data_6E3U
#
_entry.id   6E3U
#
_cell.length_a   48.951
_cell.length_b   98.846
_cell.length_c   77.077
_cell.angle_alpha   90.00
_cell.angle_beta   107.20
_cell.angle_gamma   90.00
#
_symmetry.space_group_name_H-M   'P 1 21 1'
#
loop_
_entity.id
_entity.type
_entity.pdbx_description
1 polymer 'Aryl hydrocarbon receptor nuclear translocator'
2 polymer 'Endothelial PAS domain-containing protein 1'
3 non-polymer 3-{[2-(pyrrolidin-1-yl)phenyl]amino}-1H-1lambda~6~,2-benzothiazole-1,1-dione
#
loop_
_entity_poly.entity_id
_entity_poly.type
_entity_poly.pdbx_seq_one_letter_code
_entity_poly.pdbx_strand_id
1 'polypeptide(L)'
;MSSADKERLARENHSEIERRRRNKMTAYITELSDMVPTCSALARKPDKLTILRMAVSHMKSLRGTGNTSTDGSYKPSFLT
DQELKHLILEAADGFLFIVSCETGRVVYVSDSVTPVLNQPQSEWFGSTLYDQVHPDDVDKLREQLSTSENALTGRVLDLK
TGTVKKEGQQSSMRMCMGSRRSFICRMRCGTSSVDPVSMNRLSFLRNRCRNGLGSVKEGEPHFVVVHCTGYIKAWPPAGV
SLPDDDPEAGQGSKFCLVAIGRLQVTSSPNCTDMSNICQPTEFISRHNIEGIFTFVDHRCVATVGYQPQELLGKNIVEFC
HPEDQQLLRDSFQQVVKLKGQVLSVMFRFRSKTREWLWMRTSSFTFQNPYSDEIEYIICTNTNV
;
A
2 'polypeptide(L)'
;MADKEKKRSSSELRKEKSRDAARCRRSKETEVFYELAHELPLPHSVSSHLDKASIMRLAISFLRTHKLLSSVCSENESEA
EADQQMDNLYLKALEGFIAVVTQDGDMIFLSENISKFMGLTQVELTGHSIFDFTHPCDHEEIRENLTLKNGSGFGKKSKD
VSTERDFFMRMKCTVTNRGRTVNLKSATWKVLHCTGQVRVYNNCPPHSSLCGSKEPLLSCLIIMCEPIQHPSHMDIPLDS
KTFLSRHSMDMKFTYCDDRILELIGYHPEELLGRSAYEFYHALDSENMTKSHQNLCTKGQVVSGQYRMLAKHGGYVALET
QGTVIYNPRNLQPQCIMCVNYVLSEIEKNDVVFSMDQTESLEHHHHHH
;
B
#
# COMPACT_ATOMS: atom_id res chain seq x y z
N ARG A 20 27.98 17.25 27.85
CA ARG A 20 27.27 17.45 26.58
C ARG A 20 25.77 17.27 26.72
N ARG A 21 25.36 16.66 27.84
CA ARG A 21 23.93 16.57 28.14
C ARG A 21 23.35 17.96 28.36
N ARG A 22 24.04 18.77 29.18
CA ARG A 22 23.64 20.16 29.35
C ARG A 22 23.68 20.92 28.03
N ASN A 23 24.56 20.51 27.10
CA ASN A 23 24.64 21.14 25.80
C ASN A 23 23.38 20.90 24.97
N LYS A 24 22.89 19.66 24.96
CA LYS A 24 21.63 19.42 24.28
C LYS A 24 20.46 20.10 24.99
N MET A 25 20.52 20.22 26.33
CA MET A 25 19.52 21.01 27.06
C MET A 25 19.53 22.48 26.61
N THR A 26 20.72 23.08 26.52
CA THR A 26 20.83 24.46 26.07
C THR A 26 20.30 24.62 24.65
N ALA A 27 20.66 23.71 23.74
CA ALA A 27 20.10 23.79 22.38
C ALA A 27 18.58 23.64 22.40
N TYR A 28 18.05 22.76 23.27
CA TYR A 28 16.61 22.66 23.44
C TYR A 28 16.00 24.01 23.75
N ILE A 29 16.43 24.64 24.86
CA ILE A 29 15.83 25.93 25.21
C ILE A 29 16.10 26.98 24.14
N THR A 30 17.24 26.89 23.45
CA THR A 30 17.57 27.93 22.48
C THR A 30 16.60 27.92 21.32
N GLU A 31 16.27 26.72 20.80
CA GLU A 31 15.33 26.71 19.67
C GLU A 31 13.87 26.60 20.09
N LEU A 32 13.54 26.38 21.36
CA LEU A 32 12.19 26.72 21.77
C LEU A 32 12.00 28.23 21.70
N SER A 33 13.00 28.98 22.19
CA SER A 33 12.97 30.44 22.07
C SER A 33 12.84 30.86 20.61
N ASP A 34 13.43 30.09 19.70
CA ASP A 34 13.40 30.39 18.27
C ASP A 34 12.00 30.29 17.68
N MET A 35 11.10 29.51 18.30
CA MET A 35 9.78 29.29 17.73
C MET A 35 8.66 29.93 18.55
N VAL A 36 8.95 30.45 19.73
CA VAL A 36 8.06 31.38 20.42
C VAL A 36 8.57 32.78 20.12
N PRO A 37 7.95 33.51 19.19
CA PRO A 37 8.45 34.86 18.87
C PRO A 37 8.33 35.83 20.04
N THR A 38 7.34 35.65 20.92
CA THR A 38 7.10 36.54 22.07
C THR A 38 8.30 36.64 23.00
N ASP A 47 16.08 35.31 32.78
CA ASP A 47 15.82 34.92 31.40
C ASP A 47 15.65 33.40 31.29
N LYS A 48 16.63 32.65 31.77
CA LYS A 48 16.56 31.20 31.65
C LYS A 48 15.45 30.63 32.54
N LEU A 49 15.34 31.12 33.78
CA LEU A 49 14.20 30.74 34.60
C LEU A 49 12.91 31.28 33.97
N THR A 50 12.97 32.50 33.42
CA THR A 50 11.75 33.13 32.91
C THR A 50 11.22 32.40 31.69
N ILE A 51 12.09 31.90 30.79
CA ILE A 51 11.62 31.44 29.49
C ILE A 51 10.78 30.17 29.62
N LEU A 52 11.07 29.33 30.62
CA LEU A 52 10.32 28.08 30.69
C LEU A 52 8.92 28.31 31.26
N ARG A 53 8.77 29.20 32.24
CA ARG A 53 7.43 29.62 32.67
C ARG A 53 6.74 30.50 31.64
N MET A 54 7.53 31.31 30.93
CA MET A 54 6.98 32.20 29.91
C MET A 54 6.35 31.37 28.78
N ALA A 55 6.98 30.25 28.43
CA ALA A 55 6.61 29.51 27.23
C ALA A 55 5.20 28.97 27.34
N VAL A 56 4.84 28.49 28.52
CA VAL A 56 3.61 27.75 28.72
C VAL A 56 2.43 28.70 28.63
N SER A 57 2.64 29.97 28.95
CA SER A 57 1.63 30.97 28.62
C SER A 57 1.35 30.94 27.14
N HIS A 58 2.38 30.71 26.34
CA HIS A 58 2.24 30.87 24.91
C HIS A 58 1.36 29.79 24.29
N MET A 59 1.20 28.62 24.92
CA MET A 59 0.34 27.60 24.35
C MET A 59 -0.86 27.23 25.23
N LYS A 60 -0.89 27.66 26.49
CA LYS A 60 -2.17 27.72 27.17
C LYS A 60 -3.11 28.68 26.45
N SER A 61 -2.55 29.63 25.70
CA SER A 61 -3.34 30.36 24.70
C SER A 61 -4.02 29.41 23.74
N LEU A 62 -3.30 28.39 23.26
CA LEU A 62 -3.89 27.44 22.35
C LEU A 62 -4.26 26.13 23.06
N LEU A 79 -3.78 16.84 21.01
CA LEU A 79 -3.86 17.75 19.87
C LEU A 79 -5.24 17.75 19.22
N THR A 80 -5.57 18.83 18.52
CA THR A 80 -6.96 19.07 18.16
C THR A 80 -7.52 18.03 17.20
N ASP A 81 -8.80 17.71 17.40
CA ASP A 81 -9.53 16.85 16.48
C ASP A 81 -9.36 17.28 15.04
N GLN A 82 -9.51 18.57 14.76
CA GLN A 82 -9.54 19.05 13.38
C GLN A 82 -8.17 18.96 12.74
N GLU A 83 -7.15 19.46 13.44
CA GLU A 83 -5.77 19.25 13.04
C GLU A 83 -5.55 17.82 12.59
N LEU A 84 -5.78 16.83 13.48
CA LEU A 84 -5.62 15.43 13.10
C LEU A 84 -6.36 15.13 11.80
N LYS A 85 -7.61 15.60 11.67
CA LYS A 85 -8.36 15.35 10.45
C LYS A 85 -7.66 15.89 9.21
N HIS A 86 -7.17 17.13 9.27
CA HIS A 86 -6.36 17.64 8.16
C HIS A 86 -5.20 16.71 7.86
N LEU A 87 -4.52 16.22 8.91
CA LEU A 87 -3.43 15.26 8.72
C LEU A 87 -3.92 14.05 7.95
N ILE A 88 -5.08 13.51 8.32
CA ILE A 88 -5.58 12.34 7.61
C ILE A 88 -5.78 12.67 6.15
N LEU A 89 -6.29 13.87 5.84
CA LEU A 89 -6.49 14.26 4.46
C LEU A 89 -5.16 14.44 3.73
N GLU A 90 -4.11 14.83 4.45
CA GLU A 90 -2.84 15.09 3.81
C GLU A 90 -1.99 13.83 3.68
N ALA A 91 -1.73 13.15 4.78
CA ALA A 91 -0.94 11.94 4.75
C ALA A 91 -1.66 10.79 4.05
N ALA A 92 -2.97 10.72 4.18
CA ALA A 92 -3.66 9.51 3.82
C ALA A 92 -4.73 9.68 2.77
N ASP A 93 -5.16 10.91 2.52
CA ASP A 93 -6.35 11.19 1.76
C ASP A 93 -7.49 10.26 2.19
N GLY A 94 -8.01 10.55 3.38
CA GLY A 94 -9.14 9.80 3.90
C GLY A 94 -10.15 10.72 4.54
N PHE A 95 -11.37 10.21 4.65
CA PHE A 95 -12.44 10.92 5.32
C PHE A 95 -13.15 10.01 6.31
N LEU A 96 -13.61 10.60 7.41
CA LEU A 96 -14.43 9.90 8.41
C LEU A 96 -15.85 9.75 7.92
N PHE A 97 -16.50 8.66 8.35
CA PHE A 97 -17.93 8.50 8.11
C PHE A 97 -18.51 7.39 8.98
N ILE A 98 -19.71 7.65 9.51
CA ILE A 98 -20.45 6.75 10.37
C ILE A 98 -21.75 6.39 9.65
N VAL A 99 -22.01 5.08 9.50
CA VAL A 99 -23.26 4.58 8.92
C VAL A 99 -23.91 3.58 9.87
N SER A 100 -25.24 3.60 9.93
CA SER A 100 -25.96 2.63 10.75
C SER A 100 -25.93 1.29 10.04
N CYS A 101 -25.43 0.26 10.71
CA CYS A 101 -25.11 -0.98 10.00
C CYS A 101 -26.27 -1.98 9.99
N GLU A 102 -27.43 -1.51 9.55
CA GLU A 102 -28.49 -2.39 9.08
C GLU A 102 -29.27 -1.67 8.00
N THR A 103 -29.53 -0.37 8.19
CA THR A 103 -30.05 0.45 7.11
C THR A 103 -28.97 0.78 6.09
N GLY A 104 -27.71 0.86 6.53
CA GLY A 104 -26.66 1.45 5.73
C GLY A 104 -26.72 2.95 5.65
N ARG A 105 -27.68 3.59 6.32
CA ARG A 105 -27.84 5.03 6.22
C ARG A 105 -26.67 5.72 6.88
N VAL A 106 -26.02 6.62 6.15
CA VAL A 106 -24.91 7.32 6.76
C VAL A 106 -25.47 8.30 7.78
N VAL A 107 -24.97 8.21 9.00
CA VAL A 107 -25.37 9.18 10.00
C VAL A 107 -24.38 10.34 10.09
N TYR A 108 -23.15 10.18 9.60
CA TYR A 108 -22.18 11.26 9.64
C TYR A 108 -21.18 11.12 8.50
N VAL A 109 -20.82 12.27 7.91
CA VAL A 109 -19.74 12.33 6.92
C VAL A 109 -18.82 13.48 7.30
N SER A 110 -17.52 13.19 7.39
CA SER A 110 -16.54 14.28 7.43
C SER A 110 -16.64 15.10 6.15
N ASP A 111 -16.46 16.43 6.29
CA ASP A 111 -16.42 17.29 5.12
C ASP A 111 -15.30 16.92 4.17
N SER A 112 -14.24 16.26 4.67
CA SER A 112 -13.18 15.75 3.82
C SER A 112 -13.69 14.83 2.70
N VAL A 113 -14.97 14.44 2.71
CA VAL A 113 -15.50 13.66 1.61
C VAL A 113 -15.34 14.43 0.30
N THR A 114 -15.56 15.75 0.35
CA THR A 114 -15.52 16.54 -0.88
C THR A 114 -14.14 16.57 -1.51
N PRO A 115 -13.06 16.87 -0.78
CA PRO A 115 -11.71 16.72 -1.36
C PRO A 115 -11.42 15.32 -1.86
N VAL A 116 -11.98 14.29 -1.23
CA VAL A 116 -11.60 12.91 -1.55
C VAL A 116 -12.31 12.43 -2.81
N LEU A 117 -13.63 12.56 -2.84
CA LEU A 117 -14.39 11.91 -3.90
C LEU A 117 -15.10 12.91 -4.80
N ASN A 118 -14.66 14.17 -4.81
CA ASN A 118 -15.37 15.24 -5.48
C ASN A 118 -16.87 15.11 -5.20
N GLN A 119 -17.21 15.00 -3.92
CA GLN A 119 -18.57 14.65 -3.54
C GLN A 119 -19.05 15.68 -2.54
N PRO A 120 -20.09 16.43 -2.85
CA PRO A 120 -20.70 17.31 -1.83
C PRO A 120 -21.09 16.52 -0.60
N GLN A 121 -20.82 17.10 0.56
CA GLN A 121 -21.33 16.52 1.80
C GLN A 121 -22.83 16.28 1.69
N SER A 122 -23.59 17.28 1.23
CA SER A 122 -25.04 17.17 1.13
C SER A 122 -25.47 15.89 0.41
N GLU A 123 -24.69 15.42 -0.57
CA GLU A 123 -24.99 14.14 -1.19
C GLU A 123 -25.00 13.04 -0.13
N TRP A 124 -23.82 12.68 0.39
CA TRP A 124 -23.66 11.56 1.31
C TRP A 124 -24.66 11.55 2.45
N PHE A 125 -24.53 12.48 3.40
CA PHE A 125 -25.47 12.55 4.52
C PHE A 125 -26.89 12.62 3.99
N GLY A 126 -27.78 11.83 4.59
CA GLY A 126 -29.08 11.59 3.98
C GLY A 126 -29.06 10.64 2.80
N SER A 127 -28.28 9.56 2.89
CA SER A 127 -28.35 8.44 1.95
C SER A 127 -27.82 7.21 2.68
N THR A 128 -27.68 6.12 1.93
CA THR A 128 -27.06 4.91 2.45
C THR A 128 -25.80 4.60 1.67
N LEU A 129 -24.98 3.73 2.27
CA LEU A 129 -23.69 3.40 1.68
C LEU A 129 -23.81 2.56 0.42
N TYR A 130 -24.88 1.75 0.31
CA TYR A 130 -25.09 0.99 -0.90
C TYR A 130 -25.29 1.91 -2.10
N ASP A 131 -25.84 3.12 -1.88
CA ASP A 131 -25.95 4.09 -2.97
C ASP A 131 -24.59 4.59 -3.42
N GLN A 132 -23.62 4.65 -2.51
CA GLN A 132 -22.34 5.24 -2.80
C GLN A 132 -21.32 4.25 -3.33
N VAL A 133 -21.69 2.99 -3.46
CA VAL A 133 -20.73 1.95 -3.79
C VAL A 133 -21.22 1.22 -5.02
N HIS A 134 -20.30 0.89 -5.90
CA HIS A 134 -20.47 0.07 -7.09
C HIS A 134 -21.48 -1.05 -6.81
N PRO A 135 -22.39 -1.33 -7.75
CA PRO A 135 -23.48 -2.28 -7.48
C PRO A 135 -23.02 -3.69 -7.28
N ASP A 136 -21.81 -4.02 -7.72
CA ASP A 136 -21.24 -5.33 -7.44
C ASP A 136 -20.53 -5.41 -6.09
N ASP A 137 -20.47 -4.32 -5.32
CA ASP A 137 -19.87 -4.39 -4.00
C ASP A 137 -20.92 -4.37 -2.91
N VAL A 138 -22.20 -4.49 -3.26
CA VAL A 138 -23.26 -4.46 -2.25
C VAL A 138 -23.19 -5.71 -1.39
N ASP A 139 -22.74 -6.83 -1.96
CA ASP A 139 -22.65 -8.11 -1.27
C ASP A 139 -21.66 -8.03 -0.12
N LYS A 140 -20.41 -7.72 -0.47
CA LYS A 140 -19.31 -7.48 0.45
C LYS A 140 -19.71 -6.46 1.50
N LEU A 141 -20.36 -5.39 1.06
CA LEU A 141 -20.82 -4.36 1.97
C LEU A 141 -21.77 -4.94 3.01
N ARG A 142 -22.79 -5.67 2.55
CA ARG A 142 -23.77 -6.24 3.45
C ARG A 142 -23.12 -7.24 4.42
N GLU A 143 -21.99 -7.84 4.05
CA GLU A 143 -21.33 -8.77 4.96
C GLU A 143 -20.45 -8.04 5.98
N GLN A 144 -19.67 -7.07 5.52
CA GLN A 144 -18.91 -6.28 6.49
C GLN A 144 -19.82 -5.50 7.43
N LEU A 145 -21.12 -5.45 7.20
CA LEU A 145 -21.99 -4.59 7.99
C LEU A 145 -22.90 -5.36 8.95
N SER A 146 -22.75 -6.69 9.04
CA SER A 146 -23.66 -7.46 9.86
C SER A 146 -23.12 -7.65 11.28
N THR A 147 -24.04 -7.98 12.19
CA THR A 147 -23.72 -8.25 13.59
C THR A 147 -22.97 -9.57 13.77
N SER A 179 -16.06 -4.72 17.64
CA SER A 179 -14.83 -5.16 17.01
C SER A 179 -14.49 -4.38 15.73
N ARG A 180 -13.34 -4.74 15.14
CA ARG A 180 -12.75 -4.01 14.02
C ARG A 180 -13.35 -4.46 12.70
N ARG A 181 -13.08 -3.67 11.66
CA ARG A 181 -13.55 -3.94 10.30
C ARG A 181 -12.61 -3.27 9.33
N SER A 182 -12.40 -3.95 8.21
CA SER A 182 -11.41 -3.49 7.24
C SER A 182 -11.73 -4.16 5.91
N PHE A 183 -11.90 -3.35 4.86
CA PHE A 183 -12.22 -3.93 3.56
C PHE A 183 -11.92 -2.91 2.47
N ILE A 184 -12.12 -3.34 1.24
CA ILE A 184 -11.88 -2.48 0.09
C ILE A 184 -13.14 -2.51 -0.77
N CYS A 185 -13.44 -1.38 -1.38
CA CYS A 185 -14.63 -1.30 -2.20
C CYS A 185 -14.45 -0.15 -3.18
N ARG A 186 -15.50 0.14 -3.94
CA ARG A 186 -15.44 1.09 -5.03
C ARG A 186 -16.56 2.08 -4.81
N MET A 187 -16.20 3.32 -4.51
CA MET A 187 -17.20 4.35 -4.31
C MET A 187 -17.23 5.28 -5.50
N ARG A 188 -18.38 5.96 -5.66
CA ARG A 188 -18.60 6.92 -6.73
C ARG A 188 -17.92 8.25 -6.46
N CYS A 189 -17.63 8.99 -7.53
CA CYS A 189 -17.16 10.38 -7.49
C CYS A 189 -18.17 11.31 -8.15
N GLY A 190 -17.78 12.59 -8.23
CA GLY A 190 -18.58 13.63 -8.85
C GLY A 190 -17.85 14.17 -10.06
N PRO A 221 -20.16 8.16 -14.97
CA PRO A 221 -20.26 7.45 -13.70
C PRO A 221 -18.96 6.74 -13.30
N HIS A 222 -18.03 7.44 -12.67
CA HIS A 222 -16.69 6.92 -12.38
C HIS A 222 -16.60 6.42 -10.94
N PHE A 223 -15.85 5.33 -10.75
CA PHE A 223 -15.62 4.77 -9.43
C PHE A 223 -14.15 4.82 -9.06
N VAL A 224 -13.90 4.91 -7.75
CA VAL A 224 -12.55 4.81 -7.22
C VAL A 224 -12.48 3.77 -6.12
N VAL A 225 -11.34 3.09 -6.04
CA VAL A 225 -11.06 2.10 -5.02
C VAL A 225 -10.77 2.79 -3.70
N VAL A 226 -11.55 2.46 -2.68
CA VAL A 226 -11.47 3.06 -1.34
C VAL A 226 -11.15 1.97 -0.31
N HIS A 227 -10.10 2.21 0.47
CA HIS A 227 -9.74 1.36 1.60
C HIS A 227 -10.46 1.87 2.84
N CYS A 228 -11.40 1.06 3.32
CA CYS A 228 -12.18 1.41 4.50
C CYS A 228 -11.64 0.69 5.72
N THR A 229 -11.35 1.46 6.76
CA THR A 229 -10.81 0.93 8.00
C THR A 229 -11.64 1.56 9.12
N GLY A 230 -12.24 0.75 9.96
CA GLY A 230 -13.00 1.30 11.06
C GLY A 230 -13.38 0.24 12.08
N TYR A 231 -14.42 0.56 12.82
CA TYR A 231 -14.85 -0.31 13.91
C TYR A 231 -16.34 -0.09 14.18
N ILE A 232 -16.98 -1.13 14.72
CA ILE A 232 -18.40 -1.10 14.98
C ILE A 232 -18.62 -0.72 16.44
N LYS A 233 -19.40 0.34 16.65
CA LYS A 233 -19.71 0.91 17.95
C LYS A 233 -21.22 0.89 18.18
N ALA A 234 -21.61 0.70 19.43
CA ALA A 234 -23.01 0.66 19.80
C ALA A 234 -23.62 2.05 19.75
N TRP A 235 -24.81 2.12 19.15
CA TRP A 235 -25.60 3.34 19.00
C TRP A 235 -26.77 3.07 18.07
N LYS A 254 -29.30 -1.02 16.34
CA LYS A 254 -28.69 -0.44 17.53
C LYS A 254 -27.16 -0.34 17.42
N PHE A 255 -26.63 -0.54 16.22
CA PHE A 255 -25.19 -0.53 15.98
C PHE A 255 -24.85 0.36 14.79
N CYS A 256 -23.68 1.00 14.87
CA CYS A 256 -23.18 1.89 13.83
C CYS A 256 -21.72 1.57 13.59
N LEU A 257 -21.30 1.64 12.33
CA LEU A 257 -19.88 1.54 12.00
C LEU A 257 -19.30 2.93 11.78
N VAL A 258 -18.17 3.20 12.41
CA VAL A 258 -17.42 4.43 12.21
C VAL A 258 -16.12 4.05 11.53
N ALA A 259 -15.82 4.70 10.41
CA ALA A 259 -14.70 4.25 9.60
C ALA A 259 -14.09 5.41 8.81
N ILE A 260 -12.89 5.16 8.31
CA ILE A 260 -12.17 6.09 7.47
C ILE A 260 -12.02 5.46 6.09
N GLY A 261 -12.32 6.25 5.07
CA GLY A 261 -12.21 5.81 3.70
C GLY A 261 -11.05 6.52 3.08
N ARG A 262 -10.09 5.76 2.57
CA ARG A 262 -8.80 6.25 2.15
C ARG A 262 -8.63 5.94 0.67
N LEU A 263 -8.22 6.94 -0.10
CA LEU A 263 -8.07 6.79 -1.53
C LEU A 263 -6.59 6.65 -1.86
N GLN A 264 -6.28 5.93 -2.93
CA GLN A 264 -4.90 5.61 -3.30
C GLN A 264 -4.09 5.19 -2.09
N VAL A 265 -4.54 4.14 -1.40
CA VAL A 265 -3.65 3.49 -0.44
C VAL A 265 -2.62 2.70 -1.22
N THR A 266 -2.91 2.43 -2.49
CA THR A 266 -2.20 1.45 -3.29
C THR A 266 -1.89 2.05 -4.67
N SER A 267 -1.51 1.25 -5.68
CA SER A 267 -1.38 1.70 -7.07
C SER A 267 -2.47 1.04 -7.92
N SER A 268 -2.87 1.72 -9.07
CA SER A 268 -3.92 1.14 -9.92
C SER A 268 -3.32 0.21 -10.97
N PRO A 269 -4.09 -0.73 -11.53
CA PRO A 269 -3.55 -1.58 -12.58
C PRO A 269 -3.37 -0.82 -13.86
N ASN A 270 -2.36 -1.21 -14.63
CA ASN A 270 -2.14 -0.65 -15.96
C ASN A 270 -3.07 -1.36 -16.92
N CYS A 271 -4.00 -0.61 -17.51
CA CYS A 271 -4.99 -1.15 -18.44
C CYS A 271 -4.80 -0.63 -19.86
N THR A 272 -3.57 -0.27 -20.26
CA THR A 272 -3.35 0.39 -21.53
C THR A 272 -3.57 -0.52 -22.73
N ASP A 273 -3.91 -1.78 -22.54
CA ASP A 273 -4.38 -2.61 -23.64
C ASP A 273 -5.90 -2.62 -23.77
N MET A 274 -6.63 -1.92 -22.88
CA MET A 274 -8.09 -1.79 -22.94
C MET A 274 -8.43 -0.33 -23.23
N SER A 275 -8.97 -0.07 -24.42
CA SER A 275 -9.33 1.27 -24.83
C SER A 275 -9.98 1.24 -26.21
N PRO A 280 -3.52 2.37 -31.58
CA PRO A 280 -2.38 1.64 -31.01
C PRO A 280 -1.54 1.00 -32.15
N THR A 281 -0.25 0.74 -31.88
CA THR A 281 0.61 0.03 -32.83
C THR A 281 1.67 -0.81 -32.12
N GLU A 282 1.36 -1.35 -30.95
CA GLU A 282 2.23 -2.27 -30.24
C GLU A 282 1.39 -3.19 -29.38
N PHE A 283 1.96 -4.34 -29.03
CA PHE A 283 1.34 -5.21 -28.04
C PHE A 283 2.44 -6.02 -27.36
N ILE A 284 2.29 -6.30 -26.09
CA ILE A 284 3.26 -7.12 -25.38
C ILE A 284 2.79 -8.56 -25.43
N SER A 285 3.74 -9.46 -25.42
CA SER A 285 3.48 -10.87 -25.39
C SER A 285 4.50 -11.51 -24.47
N ARG A 286 4.11 -12.64 -23.92
CA ARG A 286 5.03 -13.53 -23.22
C ARG A 286 5.23 -14.78 -24.06
N HIS A 287 6.42 -15.36 -23.95
CA HIS A 287 6.76 -16.58 -24.67
C HIS A 287 7.57 -17.51 -23.78
N ASN A 288 7.49 -18.80 -24.09
CA ASN A 288 8.40 -19.76 -23.47
C ASN A 288 9.75 -19.71 -24.18
N ILE A 289 10.69 -20.54 -23.72
CA ILE A 289 12.00 -20.59 -24.35
C ILE A 289 11.91 -21.00 -25.83
N GLU A 290 10.90 -21.78 -26.20
CA GLU A 290 10.76 -22.24 -27.58
C GLU A 290 10.28 -21.14 -28.54
N GLY A 291 9.60 -20.11 -28.04
CA GLY A 291 8.94 -19.12 -28.87
C GLY A 291 7.42 -19.22 -28.96
N ILE A 292 6.76 -20.01 -28.10
CA ILE A 292 5.31 -20.11 -28.11
C ILE A 292 4.71 -18.88 -27.45
N PHE A 293 3.76 -18.23 -28.14
CA PHE A 293 2.91 -17.23 -27.51
C PHE A 293 2.18 -17.85 -26.32
N THR A 294 2.63 -17.56 -25.10
CA THR A 294 1.87 -17.98 -23.94
C THR A 294 1.00 -16.87 -23.39
N PHE A 295 1.30 -15.62 -23.74
CA PHE A 295 0.46 -14.51 -23.34
C PHE A 295 0.51 -13.45 -24.44
N VAL A 296 -0.62 -12.79 -24.70
CA VAL A 296 -0.70 -11.67 -25.64
C VAL A 296 -1.81 -10.74 -25.15
N ASP A 297 -1.53 -9.44 -25.13
CA ASP A 297 -2.53 -8.51 -24.66
C ASP A 297 -3.51 -8.20 -25.79
N HIS A 298 -4.63 -7.59 -25.41
CA HIS A 298 -5.76 -7.40 -26.32
C HIS A 298 -5.42 -6.53 -27.52
N ARG A 299 -4.29 -5.81 -27.50
CA ARG A 299 -4.01 -4.86 -28.57
C ARG A 299 -3.65 -5.54 -29.89
N CYS A 300 -3.26 -6.82 -29.85
CA CYS A 300 -2.83 -7.57 -31.04
C CYS A 300 -3.88 -7.60 -32.13
N VAL A 301 -5.16 -7.71 -31.71
CA VAL A 301 -6.24 -7.77 -32.69
C VAL A 301 -6.23 -6.51 -33.53
N ALA A 302 -5.69 -5.44 -32.98
CA ALA A 302 -5.64 -4.19 -33.72
C ALA A 302 -4.36 -4.05 -34.52
N THR A 303 -3.26 -4.69 -34.09
CA THR A 303 -1.99 -4.48 -34.77
C THR A 303 -1.65 -5.59 -35.78
N VAL A 304 -2.11 -6.81 -35.57
CA VAL A 304 -1.85 -7.87 -36.55
C VAL A 304 -3.15 -8.51 -37.02
N GLY A 305 -4.27 -8.14 -36.38
CA GLY A 305 -5.58 -8.51 -36.87
C GLY A 305 -6.10 -9.82 -36.33
N TYR A 306 -5.25 -10.59 -35.67
CA TYR A 306 -5.62 -11.90 -35.15
C TYR A 306 -6.32 -11.78 -33.81
N GLN A 307 -7.34 -12.58 -33.63
CA GLN A 307 -7.90 -12.74 -32.31
C GLN A 307 -6.86 -13.42 -31.41
N PRO A 308 -6.85 -13.10 -30.11
CA PRO A 308 -5.81 -13.67 -29.24
C PRO A 308 -5.68 -15.17 -29.35
N GLN A 309 -6.82 -15.85 -29.44
CA GLN A 309 -6.90 -17.30 -29.56
C GLN A 309 -6.13 -17.83 -30.77
N GLU A 310 -6.00 -17.03 -31.83
CA GLU A 310 -5.32 -17.45 -33.03
C GLU A 310 -3.80 -17.25 -32.98
N LEU A 311 -3.27 -16.55 -31.98
CA LEU A 311 -1.83 -16.47 -31.77
C LEU A 311 -1.31 -17.39 -30.68
N LEU A 312 -2.00 -17.44 -29.53
CA LEU A 312 -1.50 -18.25 -28.42
C LEU A 312 -1.47 -19.74 -28.77
N GLY A 313 -0.40 -20.41 -28.34
CA GLY A 313 -0.16 -21.79 -28.64
C GLY A 313 0.70 -22.01 -29.86
N LYS A 314 0.79 -21.00 -30.72
CA LYS A 314 1.63 -21.09 -31.91
C LYS A 314 2.94 -20.36 -31.68
N ASN A 315 3.99 -20.92 -32.24
CA ASN A 315 5.31 -20.33 -32.14
C ASN A 315 5.37 -19.02 -32.94
N ILE A 316 6.15 -18.06 -32.44
CA ILE A 316 6.14 -16.77 -33.11
C ILE A 316 6.72 -16.91 -34.51
N VAL A 317 7.70 -17.79 -34.67
CA VAL A 317 8.32 -17.99 -35.99
C VAL A 317 7.35 -18.60 -37.01
N GLU A 318 6.20 -19.10 -36.60
CA GLU A 318 5.21 -19.48 -37.60
C GLU A 318 4.60 -18.27 -38.32
N PHE A 319 4.67 -17.08 -37.74
CA PHE A 319 4.10 -15.90 -38.36
C PHE A 319 5.13 -15.08 -39.11
N CYS A 320 6.37 -15.49 -39.07
CA CYS A 320 7.46 -14.74 -39.67
C CYS A 320 7.70 -15.18 -41.12
N HIS A 321 7.89 -14.20 -41.99
CA HIS A 321 8.28 -14.48 -43.37
C HIS A 321 9.48 -15.40 -43.37
N PRO A 322 9.46 -16.49 -44.18
CA PRO A 322 10.60 -17.41 -44.23
C PRO A 322 11.98 -16.77 -44.29
N GLU A 323 12.17 -15.70 -45.08
CA GLU A 323 13.51 -15.13 -45.23
C GLU A 323 14.03 -14.50 -43.94
N ASP A 324 13.15 -14.24 -42.97
CA ASP A 324 13.55 -13.64 -41.70
C ASP A 324 13.55 -14.65 -40.56
N GLN A 325 13.17 -15.92 -40.81
CA GLN A 325 12.91 -16.81 -39.68
C GLN A 325 14.18 -17.09 -38.89
N GLN A 326 15.31 -17.24 -39.55
CA GLN A 326 16.51 -17.47 -38.75
C GLN A 326 16.84 -16.24 -37.93
N LEU A 327 16.71 -15.06 -38.51
CA LEU A 327 16.92 -13.81 -37.79
C LEU A 327 16.21 -13.83 -36.44
N LEU A 328 14.88 -13.88 -36.48
CA LEU A 328 14.09 -14.04 -35.27
C LEU A 328 14.64 -15.12 -34.35
N ARG A 329 14.85 -16.32 -34.91
CA ARG A 329 15.38 -17.44 -34.13
C ARG A 329 16.66 -17.07 -33.40
N ASP A 330 17.60 -16.45 -34.13
CA ASP A 330 18.88 -16.09 -33.52
C ASP A 330 18.65 -15.19 -32.30
N SER A 331 17.72 -14.25 -32.42
CA SER A 331 17.51 -13.33 -31.31
C SER A 331 16.91 -14.06 -30.12
N PHE A 332 16.04 -15.04 -30.37
CA PHE A 332 15.49 -15.81 -29.27
C PHE A 332 16.58 -16.62 -28.59
N GLN A 333 17.63 -16.98 -29.33
CA GLN A 333 18.75 -17.67 -28.73
C GLN A 333 19.57 -16.75 -27.83
N GLN A 334 19.58 -15.45 -28.12
CA GLN A 334 20.43 -14.54 -27.37
C GLN A 334 19.74 -13.91 -26.18
N VAL A 335 18.43 -13.62 -26.27
CA VAL A 335 17.74 -13.14 -25.08
C VAL A 335 17.86 -14.18 -23.98
N VAL A 336 17.90 -15.46 -24.36
CA VAL A 336 17.88 -16.60 -23.45
C VAL A 336 19.33 -16.92 -23.12
N LYS A 337 20.22 -16.04 -23.54
CA LYS A 337 21.62 -16.15 -23.20
C LYS A 337 22.22 -14.86 -22.67
N LEU A 338 21.70 -13.70 -23.07
CA LEU A 338 22.08 -12.37 -22.58
C LEU A 338 20.93 -11.85 -21.71
N LYS A 339 20.85 -12.38 -20.49
CA LYS A 339 19.72 -12.10 -19.60
C LYS A 339 19.94 -10.77 -18.87
N GLY A 340 18.91 -9.93 -18.88
CA GLY A 340 19.04 -8.57 -18.42
C GLY A 340 19.24 -7.57 -19.54
N GLN A 341 19.60 -8.03 -20.73
CA GLN A 341 19.76 -7.16 -21.88
C GLN A 341 18.56 -7.34 -22.79
N VAL A 342 18.03 -6.23 -23.30
CA VAL A 342 16.95 -6.26 -24.27
C VAL A 342 17.56 -6.25 -25.67
N LEU A 343 17.22 -7.25 -26.47
CA LEU A 343 17.59 -7.24 -27.89
C LEU A 343 16.39 -6.88 -28.73
N SER A 344 16.64 -6.26 -29.89
CA SER A 344 15.59 -5.89 -30.83
C SER A 344 15.86 -6.51 -32.20
N VAL A 345 14.82 -7.07 -32.81
CA VAL A 345 14.91 -7.64 -34.14
C VAL A 345 13.77 -7.08 -34.96
N MET A 346 14.03 -6.79 -36.22
CA MET A 346 12.96 -6.40 -37.12
C MET A 346 12.69 -7.54 -38.11
N PHE A 347 11.40 -7.84 -38.33
CA PHE A 347 11.01 -8.91 -39.23
C PHE A 347 9.58 -8.69 -39.72
N ARG A 348 9.21 -9.43 -40.76
CA ARG A 348 7.86 -9.38 -41.32
C ARG A 348 6.90 -10.38 -40.69
N PHE A 349 5.69 -9.93 -40.41
CA PHE A 349 4.70 -10.70 -39.67
C PHE A 349 3.51 -10.99 -40.57
N ARG A 350 3.05 -12.23 -40.56
CA ARG A 350 1.83 -12.58 -41.28
C ARG A 350 0.65 -12.03 -40.49
N SER A 351 -0.06 -11.06 -41.07
CA SER A 351 -1.30 -10.61 -40.44
C SER A 351 -2.46 -11.51 -40.84
N LYS A 352 -3.59 -11.32 -40.16
CA LYS A 352 -4.78 -12.12 -40.47
C LYS A 352 -5.14 -12.02 -41.95
N THR A 353 -4.94 -10.84 -42.56
CA THR A 353 -5.19 -10.66 -43.98
C THR A 353 -4.04 -11.18 -44.86
N ARG A 354 -3.03 -11.82 -44.26
CA ARG A 354 -1.88 -12.46 -44.93
C ARG A 354 -0.86 -11.45 -45.46
N GLU A 355 -0.99 -10.16 -45.17
CA GLU A 355 0.04 -9.21 -45.57
C GLU A 355 1.24 -9.24 -44.62
N TRP A 356 2.43 -9.13 -45.20
CA TRP A 356 3.67 -9.07 -44.45
C TRP A 356 3.81 -7.67 -43.87
N LEU A 357 3.68 -7.56 -42.55
CA LEU A 357 3.86 -6.30 -41.84
C LEU A 357 5.24 -6.30 -41.23
N TRP A 358 6.07 -5.34 -41.63
CA TRP A 358 7.33 -5.15 -40.92
C TRP A 358 7.05 -4.83 -39.45
N MET A 359 7.93 -5.29 -38.57
CA MET A 359 7.67 -5.15 -37.14
C MET A 359 8.96 -5.30 -36.37
N ARG A 360 9.18 -4.42 -35.40
CA ARG A 360 10.33 -4.59 -34.54
C ARG A 360 9.84 -5.15 -33.23
N THR A 361 10.60 -6.11 -32.73
CA THR A 361 10.37 -6.77 -31.47
C THR A 361 11.51 -6.43 -30.54
N SER A 362 11.16 -5.84 -29.39
CA SER A 362 12.11 -5.69 -28.31
C SER A 362 11.79 -6.73 -27.28
N SER A 363 12.79 -7.52 -26.92
CA SER A 363 12.59 -8.69 -26.08
C SER A 363 13.68 -8.75 -25.04
N PHE A 364 13.30 -9.06 -23.82
CA PHE A 364 14.25 -9.45 -22.80
C PHE A 364 13.67 -10.66 -22.10
N THR A 365 14.53 -11.37 -21.39
CA THR A 365 14.13 -12.59 -20.74
C THR A 365 13.91 -12.25 -19.27
N PHE A 366 12.78 -12.70 -18.73
CA PHE A 366 12.35 -12.29 -17.41
C PHE A 366 12.66 -13.41 -16.43
N GLN A 367 13.54 -13.13 -15.49
CA GLN A 367 14.08 -14.04 -14.49
C GLN A 367 13.34 -13.84 -13.19
N ASN A 368 13.17 -14.93 -12.45
CA ASN A 368 12.45 -14.90 -11.19
C ASN A 368 13.29 -14.19 -10.15
N PRO A 369 12.76 -13.16 -9.48
CA PRO A 369 13.58 -12.35 -8.55
C PRO A 369 14.17 -13.15 -7.41
N TYR A 370 13.50 -14.22 -6.99
CA TYR A 370 14.02 -15.06 -5.93
C TYR A 370 15.02 -16.07 -6.45
N SER A 371 14.65 -16.81 -7.49
CA SER A 371 15.38 -18.01 -7.85
C SER A 371 16.19 -17.86 -9.13
N ASP A 372 16.02 -16.77 -9.88
CA ASP A 372 16.64 -16.56 -11.17
C ASP A 372 16.09 -17.53 -12.21
N GLU A 373 15.20 -18.45 -11.82
CA GLU A 373 14.60 -19.35 -12.79
C GLU A 373 13.87 -18.52 -13.85
N ILE A 374 14.21 -18.79 -15.10
CA ILE A 374 13.80 -17.91 -16.19
C ILE A 374 12.31 -18.16 -16.47
N GLU A 375 11.48 -17.22 -16.01
CA GLU A 375 10.03 -17.39 -16.07
C GLU A 375 9.52 -17.45 -17.50
N TYR A 376 9.95 -16.51 -18.31
CA TYR A 376 9.52 -16.44 -19.70
C TYR A 376 10.30 -15.32 -20.37
N ILE A 377 10.09 -15.17 -21.67
CA ILE A 377 10.61 -14.04 -22.43
C ILE A 377 9.49 -13.04 -22.65
N ILE A 378 9.80 -11.75 -22.47
CA ILE A 378 8.84 -10.66 -22.63
C ILE A 378 9.15 -9.92 -23.92
N CYS A 379 8.13 -9.76 -24.77
CA CYS A 379 8.30 -9.04 -26.03
C CYS A 379 7.30 -7.90 -26.14
N THR A 380 7.75 -6.80 -26.69
CA THR A 380 6.87 -5.77 -27.18
C THR A 380 7.02 -5.78 -28.68
N ASN A 381 5.92 -6.03 -29.36
CA ASN A 381 5.88 -6.21 -30.79
C ASN A 381 5.28 -4.95 -31.36
N THR A 382 6.08 -4.20 -32.10
CA THR A 382 5.74 -2.85 -32.53
C THR A 382 5.76 -2.74 -34.04
N ASN A 383 4.64 -2.33 -34.61
CA ASN A 383 4.63 -2.09 -36.03
C ASN A 383 5.69 -1.05 -36.41
N VAL A 384 6.36 -1.32 -37.51
CA VAL A 384 7.35 -0.39 -38.01
C VAL A 384 6.94 0.02 -39.43
N SER B 27 14.86 23.33 42.88
CA SER B 27 13.50 23.32 43.41
C SER B 27 12.55 24.18 42.58
N LYS B 28 12.78 25.51 42.56
CA LYS B 28 11.95 26.41 41.76
C LYS B 28 11.88 26.01 40.29
N GLU B 29 12.88 25.28 39.79
CA GLU B 29 12.86 24.85 38.40
C GLU B 29 12.11 23.54 38.21
N THR B 30 12.03 22.69 39.23
CA THR B 30 11.32 21.41 39.06
C THR B 30 9.80 21.61 39.04
N GLU B 31 9.28 22.47 39.91
CA GLU B 31 7.83 22.67 39.90
C GLU B 31 7.38 23.40 38.63
N VAL B 32 8.29 24.14 37.97
CA VAL B 32 7.96 24.64 36.63
C VAL B 32 8.09 23.53 35.56
N PHE B 33 8.98 22.54 35.75
CA PHE B 33 8.99 21.44 34.78
C PHE B 33 7.70 20.64 34.87
N TYR B 34 7.21 20.40 36.10
CA TYR B 34 5.87 19.85 36.26
C TYR B 34 4.79 20.81 35.82
N GLU B 35 5.07 22.12 35.93
CA GLU B 35 4.20 23.13 35.36
C GLU B 35 3.95 22.83 33.87
N LEU B 36 4.99 22.83 33.03
CA LEU B 36 4.74 22.62 31.58
C LEU B 36 4.30 21.19 31.29
N ALA B 37 4.77 20.23 32.09
CA ALA B 37 4.35 18.84 31.93
C ALA B 37 2.83 18.70 31.96
N HIS B 38 2.18 19.21 33.00
CA HIS B 38 0.74 19.15 33.10
C HIS B 38 0.01 20.17 32.20
N GLU B 39 0.75 20.96 31.39
CA GLU B 39 0.13 21.87 30.42
C GLU B 39 0.46 21.53 28.98
N LEU B 40 1.08 20.39 28.71
CA LEU B 40 1.18 19.80 27.38
C LEU B 40 -0.02 18.86 27.15
N PRO B 41 -0.49 18.72 25.90
CA PRO B 41 -1.68 17.90 25.65
C PRO B 41 -1.49 16.43 26.00
N LEU B 42 -1.36 16.12 27.28
CA LEU B 42 -1.17 14.76 27.78
C LEU B 42 -1.89 14.61 29.11
N PRO B 43 -2.25 13.38 29.50
CA PRO B 43 -2.88 13.19 30.80
C PRO B 43 -1.88 13.44 31.92
N HIS B 44 -2.38 14.02 33.01
CA HIS B 44 -1.59 14.23 34.23
C HIS B 44 -0.74 13.00 34.51
N SER B 45 -1.33 11.82 34.30
CA SER B 45 -0.68 10.53 34.50
C SER B 45 0.69 10.47 33.85
N VAL B 46 0.71 10.51 32.52
CA VAL B 46 1.99 10.40 31.82
C VAL B 46 2.81 11.67 32.03
N SER B 47 2.15 12.83 31.96
CA SER B 47 2.86 14.10 32.08
C SER B 47 3.62 14.23 33.40
N SER B 48 3.30 13.41 34.41
CA SER B 48 3.94 13.56 35.71
C SER B 48 5.41 13.14 35.65
N HIS B 49 5.67 11.97 35.07
CA HIS B 49 6.90 11.22 35.30
C HIS B 49 8.05 11.59 34.38
N LEU B 50 7.97 12.66 33.60
CA LEU B 50 8.97 12.86 32.57
C LEU B 50 10.18 13.61 33.09
N ASP B 51 11.35 13.14 32.66
CA ASP B 51 12.58 13.91 32.62
C ASP B 51 12.32 15.20 31.87
N LYS B 52 13.08 16.23 32.18
CA LYS B 52 12.83 17.52 31.57
C LYS B 52 13.40 17.63 30.16
N ALA B 53 14.47 16.90 29.83
CA ALA B 53 14.86 16.77 28.43
C ALA B 53 13.68 16.29 27.59
N SER B 54 12.93 15.33 28.12
CA SER B 54 11.74 14.85 27.44
C SER B 54 10.72 15.97 27.29
N ILE B 55 10.48 16.71 28.37
CA ILE B 55 9.49 17.78 28.32
C ILE B 55 9.86 18.79 27.26
N MET B 56 11.14 19.18 27.20
CA MET B 56 11.65 19.96 26.08
C MET B 56 11.22 19.35 24.77
N ARG B 57 11.80 18.19 24.41
CA ARG B 57 11.53 17.53 23.13
C ARG B 57 10.04 17.55 22.79
N LEU B 58 9.23 17.18 23.75
CA LEU B 58 7.80 17.11 23.50
C LEU B 58 7.21 18.49 23.23
N ALA B 59 7.55 19.50 24.05
CA ALA B 59 7.14 20.88 23.78
C ALA B 59 7.55 21.33 22.38
N ILE B 60 8.84 21.26 22.10
CA ILE B 60 9.36 21.79 20.85
C ILE B 60 8.69 21.09 19.67
N SER B 61 8.50 19.78 19.76
CA SER B 61 7.88 19.10 18.65
C SER B 61 6.41 19.46 18.55
N PHE B 62 5.78 19.71 19.70
CA PHE B 62 4.36 20.05 19.69
C PHE B 62 4.13 21.39 18.98
N LEU B 63 4.92 22.40 19.30
CA LEU B 63 4.69 23.69 18.64
C LEU B 63 5.20 23.69 17.21
N ARG B 64 6.21 22.87 16.91
CA ARG B 64 6.62 22.70 15.52
C ARG B 64 5.51 22.07 14.70
N THR B 65 4.87 21.06 15.28
CA THR B 65 3.72 20.42 14.66
C THR B 65 2.62 21.42 14.39
N HIS B 66 2.26 22.19 15.42
CA HIS B 66 1.21 23.17 15.22
C HIS B 66 1.56 24.15 14.12
N LYS B 67 2.84 24.49 13.98
CA LYS B 67 3.25 25.38 12.90
C LYS B 67 2.97 24.77 11.53
N LEU B 68 3.48 23.57 11.31
CA LEU B 68 3.21 22.94 10.02
C LEU B 68 1.71 22.81 9.76
N LEU B 69 0.94 22.54 10.81
CA LEU B 69 -0.49 22.33 10.59
C LEU B 69 -1.21 23.64 10.35
N SER B 70 -0.67 24.75 10.85
CA SER B 70 -1.11 26.05 10.39
C SER B 70 -0.85 26.19 8.90
N SER B 71 0.35 25.81 8.45
CA SER B 71 0.62 25.77 7.01
C SER B 71 -0.28 24.79 6.25
N VAL B 72 -1.03 23.93 6.94
CA VAL B 72 -1.88 22.93 6.27
C VAL B 72 -3.33 23.39 6.16
N CYS B 73 -3.94 23.85 7.27
CA CYS B 73 -5.36 24.21 7.27
C CYS B 73 -5.65 25.45 6.45
N SER B 74 -4.81 26.46 6.58
CA SER B 74 -4.97 27.70 5.82
C SER B 74 -4.51 27.46 4.39
N MET B 86 -14.09 15.01 18.23
CA MET B 86 -14.26 13.59 17.92
C MET B 86 -12.91 12.92 17.63
N ASP B 87 -11.94 13.18 18.50
CA ASP B 87 -10.58 12.66 18.29
C ASP B 87 -10.55 11.14 18.46
N ASN B 88 -11.29 10.60 19.41
CA ASN B 88 -11.34 9.16 19.58
C ASN B 88 -11.78 8.48 18.31
N LEU B 89 -12.73 9.08 17.58
CA LEU B 89 -13.23 8.48 16.35
C LEU B 89 -12.14 8.31 15.31
N TYR B 90 -11.62 9.44 14.81
CA TYR B 90 -10.56 9.41 13.81
C TYR B 90 -9.40 8.55 14.27
N LEU B 91 -8.92 8.78 15.49
CA LEU B 91 -7.76 8.04 15.99
C LEU B 91 -8.03 6.54 16.07
N LYS B 92 -9.24 6.14 16.47
CA LYS B 92 -9.52 4.73 16.69
C LYS B 92 -9.93 3.99 15.42
N ALA B 93 -10.41 4.72 14.41
CA ALA B 93 -10.78 4.07 13.17
C ALA B 93 -9.58 3.81 12.26
N LEU B 94 -8.36 4.17 12.66
CA LEU B 94 -7.18 3.97 11.83
C LEU B 94 -6.54 2.60 12.07
N GLU B 95 -6.18 1.91 10.99
CA GLU B 95 -5.34 0.73 11.10
C GLU B 95 -3.88 1.05 10.98
N GLY B 96 -3.50 2.25 11.39
CA GLY B 96 -2.12 2.68 11.41
C GLY B 96 -1.98 3.90 12.32
N PHE B 97 -0.78 4.49 12.30
CA PHE B 97 -0.52 5.72 13.03
C PHE B 97 0.02 6.80 12.10
N ILE B 98 -0.17 8.06 12.50
CA ILE B 98 0.30 9.21 11.73
C ILE B 98 1.66 9.65 12.25
N ALA B 99 2.59 9.85 11.33
CA ALA B 99 3.89 10.38 11.68
C ALA B 99 4.18 11.57 10.78
N VAL B 100 4.75 12.61 11.36
CA VAL B 100 5.39 13.65 10.57
C VAL B 100 6.84 13.67 10.99
N VAL B 101 7.70 13.52 9.99
CA VAL B 101 9.13 13.36 10.12
C VAL B 101 9.84 14.38 9.23
N THR B 102 10.80 15.10 9.82
CA THR B 102 11.51 16.15 9.13
C THR B 102 12.51 15.56 8.13
N GLN B 103 13.24 16.45 7.45
CA GLN B 103 14.14 16.03 6.39
C GLN B 103 15.38 15.34 6.93
N ASP B 104 15.79 15.66 8.17
CA ASP B 104 16.94 15.03 8.83
C ASP B 104 16.54 13.87 9.73
N GLY B 105 15.26 13.49 9.74
CA GLY B 105 14.78 12.30 10.39
C GLY B 105 14.08 12.50 11.71
N ASP B 106 13.76 13.72 12.08
CA ASP B 106 13.18 13.97 13.38
C ASP B 106 11.69 13.72 13.34
N MET B 107 11.22 12.93 14.30
CA MET B 107 9.81 12.54 14.35
C MET B 107 9.10 13.57 15.21
N ILE B 108 8.77 14.71 14.60
CA ILE B 108 8.20 15.81 15.37
C ILE B 108 6.75 15.52 15.73
N PHE B 109 6.07 14.64 14.99
CA PHE B 109 4.83 14.20 15.59
C PHE B 109 4.53 12.74 15.26
N LEU B 110 3.88 12.08 16.22
CA LEU B 110 3.37 10.72 16.16
C LEU B 110 1.99 10.68 16.82
N SER B 111 0.98 10.18 16.09
CA SER B 111 -0.32 10.03 16.73
C SER B 111 -0.21 9.09 17.93
N GLU B 112 -1.22 9.18 18.80
CA GLU B 112 -1.15 8.55 20.10
C GLU B 112 -1.39 7.06 20.05
N ASN B 113 -1.96 6.56 18.97
CA ASN B 113 -2.21 5.13 18.83
C ASN B 113 -0.98 4.33 18.41
N ILE B 114 0.17 4.97 18.21
CA ILE B 114 1.37 4.23 17.82
C ILE B 114 1.69 3.13 18.82
N SER B 115 1.41 3.37 20.11
CA SER B 115 1.66 2.34 21.11
C SER B 115 0.92 1.06 20.75
N LYS B 116 -0.32 1.19 20.23
CA LYS B 116 -1.15 0.03 19.94
C LYS B 116 -0.59 -0.82 18.82
N PHE B 117 0.37 -0.32 18.07
CA PHE B 117 0.95 -1.08 16.97
C PHE B 117 2.42 -1.36 17.17
N MET B 118 3.20 -0.36 17.55
CA MET B 118 4.61 -0.56 17.78
C MET B 118 4.88 -0.86 19.22
N GLY B 119 3.96 -0.56 20.10
CA GLY B 119 4.30 -0.69 21.52
C GLY B 119 5.06 0.49 22.07
N LEU B 120 6.09 0.94 21.36
CA LEU B 120 6.77 2.19 21.70
C LEU B 120 5.76 3.31 21.86
N THR B 121 5.93 4.12 22.91
CA THR B 121 4.93 5.13 23.20
C THR B 121 5.21 6.40 22.41
N GLN B 122 4.19 7.25 22.30
CA GLN B 122 4.43 8.53 21.66
C GLN B 122 5.49 9.34 22.42
N VAL B 123 5.39 9.40 23.75
CA VAL B 123 6.37 10.09 24.59
C VAL B 123 7.81 9.60 24.38
N GLU B 124 8.01 8.29 24.17
CA GLU B 124 9.35 7.72 24.00
C GLU B 124 9.99 8.07 22.66
N LEU B 125 9.20 8.15 21.58
CA LEU B 125 9.80 8.40 20.28
C LEU B 125 9.77 9.86 19.81
N THR B 126 8.92 10.71 20.42
CA THR B 126 8.67 12.01 19.82
C THR B 126 9.91 12.88 19.91
N GLY B 127 10.34 13.41 18.78
CA GLY B 127 11.55 14.20 18.76
C GLY B 127 12.83 13.44 18.50
N HIS B 128 12.81 12.11 18.49
CA HIS B 128 14.01 11.34 18.20
C HIS B 128 14.10 10.99 16.72
N SER B 129 15.24 10.44 16.32
CA SER B 129 15.49 10.18 14.91
C SER B 129 14.73 8.94 14.46
N ILE B 130 14.02 9.06 13.34
CA ILE B 130 13.48 7.88 12.69
C ILE B 130 14.57 6.86 12.45
N PHE B 131 15.82 7.30 12.36
CA PHE B 131 16.89 6.39 12.02
C PHE B 131 17.35 5.58 13.22
N ASP B 132 16.73 5.77 14.38
CA ASP B 132 17.07 5.02 15.57
C ASP B 132 15.99 4.01 15.94
N PHE B 133 14.99 3.84 15.11
CA PHE B 133 13.93 2.88 15.38
C PHE B 133 13.48 2.18 14.13
N THR B 134 14.39 2.06 13.16
CA THR B 134 14.07 1.46 11.89
C THR B 134 15.20 0.53 11.48
N HIS B 135 14.88 -0.40 10.64
CA HIS B 135 15.91 -1.29 10.18
C HIS B 135 16.98 -0.51 9.43
N PRO B 136 18.22 -0.51 9.89
CA PRO B 136 19.31 0.13 9.14
C PRO B 136 19.34 -0.18 7.64
N CYS B 137 19.02 -1.41 7.23
CA CYS B 137 19.01 -1.69 5.80
C CYS B 137 17.99 -0.86 5.04
N ASP B 138 16.97 -0.31 5.72
CA ASP B 138 15.99 0.55 5.05
C ASP B 138 16.33 2.04 5.13
N HIS B 139 17.47 2.39 5.72
CA HIS B 139 17.76 3.79 5.98
C HIS B 139 17.90 4.59 4.69
N GLU B 140 18.69 4.07 3.75
CA GLU B 140 18.85 4.79 2.50
C GLU B 140 17.53 4.92 1.78
N GLU B 141 16.64 3.92 1.91
CA GLU B 141 15.31 4.03 1.32
C GLU B 141 14.52 5.13 2.02
N ILE B 142 14.53 5.10 3.37
CA ILE B 142 13.87 6.16 4.12
C ILE B 142 14.49 7.50 3.77
N ARG B 143 15.82 7.57 3.82
CA ARG B 143 16.48 8.80 3.44
C ARG B 143 16.04 9.25 2.05
N GLU B 144 15.93 8.29 1.11
CA GLU B 144 15.48 8.59 -0.25
C GLU B 144 14.03 9.08 -0.31
N ASN B 145 13.18 8.69 0.63
CA ASN B 145 11.80 9.17 0.63
C ASN B 145 11.59 10.48 1.36
N LEU B 146 12.55 10.95 2.16
CA LEU B 146 12.36 12.18 2.94
C LEU B 146 12.63 13.45 2.15
N THR B 147 13.11 13.34 0.91
CA THR B 147 13.74 14.43 0.19
C THR B 147 12.87 14.94 -0.94
N LEU B 148 13.22 16.14 -1.42
CA LEU B 148 12.75 16.72 -2.69
C LEU B 148 11.24 16.78 -2.81
N SER B 162 7.66 14.95 -7.86
CA SER B 162 6.37 14.86 -7.20
C SER B 162 6.50 14.92 -5.68
N THR B 163 5.39 14.67 -5.00
CA THR B 163 5.33 14.78 -3.55
C THR B 163 4.70 13.58 -2.86
N GLU B 164 4.13 12.63 -3.61
CA GLU B 164 3.45 11.47 -3.05
C GLU B 164 4.45 10.35 -2.75
N ARG B 165 4.20 9.62 -1.67
CA ARG B 165 5.12 8.62 -1.18
C ARG B 165 4.37 7.37 -0.77
N ASP B 166 4.95 6.23 -1.17
CA ASP B 166 4.39 4.92 -0.85
C ASP B 166 5.55 3.96 -0.70
N PHE B 167 5.80 3.46 0.50
CA PHE B 167 6.93 2.57 0.67
C PHE B 167 6.71 1.65 1.87
N PHE B 168 7.71 0.80 2.13
CA PHE B 168 7.70 -0.17 3.22
C PHE B 168 8.92 0.02 4.12
N MET B 169 8.68 0.00 5.43
CA MET B 169 9.72 0.40 6.40
C MET B 169 9.65 -0.50 7.62
N ARG B 170 10.75 -1.17 7.95
CA ARG B 170 10.79 -2.00 9.14
C ARG B 170 11.14 -1.14 10.33
N MET B 171 10.36 -1.24 11.38
CA MET B 171 10.49 -0.36 12.52
C MET B 171 10.49 -1.19 13.80
N LYS B 172 11.29 -0.78 14.77
CA LYS B 172 11.30 -1.44 16.06
C LYS B 172 9.89 -1.55 16.60
N CYS B 173 9.61 -2.67 17.23
CA CYS B 173 8.29 -2.99 17.71
C CYS B 173 8.47 -3.76 19.01
N THR B 174 7.74 -3.35 20.05
CA THR B 174 7.89 -3.98 21.35
C THR B 174 6.54 -4.48 21.85
N VAL B 175 5.52 -4.48 21.03
CA VAL B 175 4.23 -4.99 21.44
C VAL B 175 4.17 -6.44 20.97
N THR B 176 4.09 -7.34 21.94
CA THR B 176 3.86 -8.75 21.66
C THR B 176 2.40 -8.91 21.28
N ASN B 177 2.15 -9.55 20.14
CA ASN B 177 0.77 -9.78 19.75
C ASN B 177 0.14 -10.64 20.83
N ARG B 178 -0.73 -10.01 21.63
CA ARG B 178 -1.30 -10.53 22.87
C ARG B 178 -1.70 -9.41 23.81
N GLY B 179 -1.07 -8.24 23.66
CA GLY B 179 -1.21 -7.20 24.66
C GLY B 179 0.10 -6.80 25.30
N ARG B 180 0.81 -7.74 25.93
CA ARG B 180 1.99 -7.44 26.73
C ARG B 180 3.06 -6.66 25.95
N THR B 181 3.86 -5.87 26.67
CA THR B 181 4.90 -5.07 26.06
C THR B 181 6.24 -5.48 26.63
N VAL B 182 7.28 -5.40 25.80
CA VAL B 182 8.63 -5.90 26.06
C VAL B 182 9.54 -4.68 26.00
N ASN B 183 10.82 -4.84 26.34
CA ASN B 183 11.77 -3.74 26.36
C ASN B 183 12.51 -3.59 25.03
N LEU B 184 13.17 -2.44 24.88
CA LEU B 184 13.78 -2.04 23.61
C LEU B 184 14.85 -3.01 23.14
N LYS B 185 15.65 -3.53 24.06
CA LYS B 185 16.64 -4.54 23.71
C LYS B 185 15.98 -5.76 23.09
N SER B 186 14.73 -6.03 23.47
CA SER B 186 14.08 -7.22 22.97
C SER B 186 13.01 -6.82 21.98
N ALA B 187 13.40 -6.15 20.90
CA ALA B 187 12.43 -5.60 19.95
C ALA B 187 12.41 -6.43 18.67
N THR B 188 11.21 -6.54 18.12
CA THR B 188 10.97 -7.20 16.85
C THR B 188 10.92 -6.15 15.74
N TRP B 189 11.27 -6.56 14.52
CA TRP B 189 11.14 -5.68 13.38
C TRP B 189 9.76 -5.87 12.77
N LYS B 190 8.99 -4.79 12.68
CA LYS B 190 7.66 -4.82 12.09
C LYS B 190 7.68 -3.97 10.83
N VAL B 191 7.26 -4.56 9.70
CA VAL B 191 7.07 -3.80 8.46
C VAL B 191 5.85 -2.90 8.56
N LEU B 192 6.03 -1.65 8.15
CA LEU B 192 4.98 -0.66 8.07
C LEU B 192 4.84 -0.22 6.61
N HIS B 193 3.60 -0.21 6.13
CA HIS B 193 3.24 0.34 4.83
C HIS B 193 2.96 1.83 5.02
N CYS B 194 3.88 2.67 4.55
CA CYS B 194 3.86 4.12 4.77
C CYS B 194 3.40 4.83 3.50
N THR B 195 2.34 5.62 3.62
CA THR B 195 1.87 6.42 2.50
C THR B 195 1.64 7.84 2.97
N GLY B 196 2.06 8.79 2.15
CA GLY B 196 1.83 10.18 2.49
C GLY B 196 2.45 11.17 1.53
N GLN B 197 2.69 12.38 2.03
CA GLN B 197 3.17 13.47 1.19
C GLN B 197 4.42 14.10 1.79
N VAL B 198 5.41 14.46 0.94
CA VAL B 198 6.51 15.34 1.34
C VAL B 198 6.06 16.77 1.10
N ARG B 199 6.61 17.72 1.85
CA ARG B 199 5.98 19.04 1.93
C ARG B 199 6.94 20.04 2.58
N VAL B 200 6.78 21.31 2.21
CA VAL B 200 7.49 22.39 2.89
C VAL B 200 6.53 23.23 3.75
N LEU B 218 13.44 22.90 5.46
CA LEU B 218 11.99 23.15 5.40
C LEU B 218 11.20 22.00 4.76
N SER B 219 11.88 20.91 4.39
CA SER B 219 11.20 19.70 3.92
C SER B 219 10.51 18.97 5.07
N CYS B 220 9.45 18.24 4.74
CA CYS B 220 8.73 17.45 5.73
C CYS B 220 8.06 16.23 5.09
N LEU B 221 7.95 15.15 5.86
CA LEU B 221 7.25 13.97 5.40
C LEU B 221 6.09 13.65 6.34
N ILE B 222 4.89 13.53 5.78
CA ILE B 222 3.67 13.31 6.54
C ILE B 222 3.08 12.01 6.03
N ILE B 223 3.12 10.97 6.84
CA ILE B 223 2.77 9.63 6.41
C ILE B 223 1.82 9.00 7.40
N MET B 224 0.96 8.15 6.89
CA MET B 224 0.27 7.20 7.73
C MET B 224 0.89 5.83 7.47
N CYS B 225 1.16 5.11 8.54
CA CYS B 225 1.91 3.87 8.52
C CYS B 225 0.97 2.84 9.09
N GLU B 226 0.43 1.98 8.20
CA GLU B 226 -0.33 0.83 8.62
C GLU B 226 0.54 -0.41 8.68
N PRO B 227 0.44 -1.17 9.75
CA PRO B 227 1.02 -2.51 9.75
C PRO B 227 0.24 -3.44 8.81
N ILE B 228 0.93 -4.46 8.31
CA ILE B 228 0.30 -5.48 7.50
C ILE B 228 -0.12 -6.62 8.42
N GLN B 229 -1.41 -6.91 8.43
CA GLN B 229 -1.92 -8.00 9.25
C GLN B 229 -1.22 -9.31 8.90
N HIS B 230 -0.74 -9.98 9.94
CA HIS B 230 -0.06 -11.25 9.77
C HIS B 230 -1.11 -12.37 9.69
N PRO B 231 -1.14 -13.13 8.59
CA PRO B 231 -2.28 -14.03 8.34
C PRO B 231 -2.49 -15.09 9.41
N SER B 232 -1.61 -15.22 10.39
CA SER B 232 -1.99 -16.13 11.46
C SER B 232 -2.91 -15.44 12.46
N HIS B 233 -2.56 -14.22 12.86
CA HIS B 233 -3.22 -13.56 13.98
C HIS B 233 -4.07 -12.40 13.48
N MET B 234 -5.26 -12.71 13.01
CA MET B 234 -6.17 -11.74 12.43
C MET B 234 -7.44 -11.63 13.27
N ASP B 235 -7.79 -10.41 13.67
CA ASP B 235 -9.03 -10.14 14.37
C ASP B 235 -9.85 -9.10 13.63
N ILE B 236 -9.79 -9.13 12.30
CA ILE B 236 -10.71 -8.40 11.44
C ILE B 236 -11.40 -9.44 10.55
N PRO B 237 -12.73 -9.43 10.47
CA PRO B 237 -13.41 -10.39 9.59
C PRO B 237 -13.04 -10.20 8.13
N LEU B 238 -13.07 -11.30 7.39
CA LEU B 238 -12.90 -11.31 5.95
C LEU B 238 -14.22 -11.67 5.29
N ASP B 239 -14.46 -11.11 4.12
CA ASP B 239 -15.72 -11.26 3.42
C ASP B 239 -15.58 -12.30 2.32
N SER B 240 -16.62 -12.44 1.51
CA SER B 240 -16.70 -13.45 0.46
C SER B 240 -15.81 -13.16 -0.74
N LYS B 241 -15.21 -11.97 -0.83
CA LYS B 241 -14.37 -11.61 -1.96
C LYS B 241 -12.89 -11.64 -1.61
N THR B 242 -12.52 -12.48 -0.65
CA THR B 242 -11.16 -12.55 -0.15
C THR B 242 -10.80 -14.00 0.04
N PHE B 243 -9.68 -14.42 -0.54
CA PHE B 243 -9.26 -15.82 -0.46
C PHE B 243 -7.77 -15.91 -0.17
N LEU B 244 -7.41 -16.98 0.54
CA LEU B 244 -6.05 -17.23 1.00
C LEU B 244 -5.26 -18.07 0.00
N SER B 245 -3.94 -17.89 0.01
CA SER B 245 -3.12 -18.67 -0.90
C SER B 245 -1.72 -18.81 -0.31
N ARG B 246 -1.08 -19.93 -0.62
CA ARG B 246 0.25 -20.23 -0.15
C ARG B 246 1.19 -20.42 -1.33
N HIS B 247 2.40 -19.89 -1.18
CA HIS B 247 3.41 -19.85 -2.24
C HIS B 247 4.76 -20.24 -1.69
N SER B 248 5.56 -20.92 -2.53
CA SER B 248 6.98 -21.01 -2.23
C SER B 248 7.61 -19.62 -2.34
N MET B 249 8.89 -19.56 -2.01
CA MET B 249 9.58 -18.28 -2.02
C MET B 249 9.68 -17.71 -3.44
N ASP B 250 9.71 -18.57 -4.46
CA ASP B 250 9.75 -18.10 -5.83
C ASP B 250 8.37 -17.75 -6.35
N MET B 251 7.37 -17.83 -5.48
CA MET B 251 5.98 -17.45 -5.71
C MET B 251 5.21 -18.52 -6.48
N LYS B 252 5.70 -19.76 -6.54
CA LYS B 252 4.92 -20.84 -7.13
C LYS B 252 3.77 -21.21 -6.19
N PHE B 253 2.62 -21.50 -6.78
CA PHE B 253 1.43 -21.85 -6.03
C PHE B 253 1.61 -23.19 -5.34
N THR B 254 1.35 -23.24 -4.04
CA THR B 254 1.31 -24.50 -3.34
C THR B 254 0.07 -24.68 -2.47
N TYR B 255 -0.80 -23.68 -2.39
CA TYR B 255 -2.12 -23.84 -1.82
C TYR B 255 -2.92 -22.59 -2.12
N CYS B 256 -4.24 -22.75 -2.23
CA CYS B 256 -5.10 -21.59 -2.19
C CYS B 256 -6.50 -22.04 -1.87
N ASP B 257 -7.32 -21.07 -1.45
CA ASP B 257 -8.66 -21.33 -0.97
C ASP B 257 -9.52 -22.01 -2.01
N ASP B 258 -10.61 -22.60 -1.54
CA ASP B 258 -11.62 -23.12 -2.48
C ASP B 258 -12.40 -21.99 -3.10
N ARG B 259 -12.51 -20.85 -2.40
CA ARG B 259 -13.31 -19.72 -2.92
C ARG B 259 -12.73 -19.17 -4.22
N ILE B 260 -11.45 -19.44 -4.52
CA ILE B 260 -10.94 -19.01 -5.80
C ILE B 260 -11.80 -19.59 -6.91
N LEU B 261 -12.30 -20.80 -6.71
CA LEU B 261 -13.15 -21.44 -7.71
C LEU B 261 -14.33 -20.57 -8.04
N GLU B 262 -15.00 -20.07 -7.03
CA GLU B 262 -16.16 -19.21 -7.26
C GLU B 262 -15.68 -17.86 -7.77
N LEU B 263 -14.53 -17.41 -7.27
CA LEU B 263 -14.19 -16.01 -7.44
C LEU B 263 -13.46 -15.80 -8.76
N ILE B 264 -12.61 -16.74 -9.15
CA ILE B 264 -11.78 -16.56 -10.33
C ILE B 264 -11.93 -17.76 -11.26
N GLY B 265 -12.62 -18.81 -10.79
CA GLY B 265 -12.93 -19.95 -11.62
C GLY B 265 -11.93 -21.08 -11.58
N TYR B 266 -10.82 -20.92 -10.88
CA TYR B 266 -9.82 -21.99 -10.85
C TYR B 266 -10.15 -22.97 -9.73
N HIS B 267 -9.84 -24.23 -9.96
CA HIS B 267 -9.85 -25.19 -8.86
C HIS B 267 -8.47 -25.17 -8.20
N PRO B 268 -8.40 -25.22 -6.88
CA PRO B 268 -7.08 -25.16 -6.25
C PRO B 268 -6.17 -26.28 -6.75
N GLU B 269 -6.78 -27.33 -7.30
CA GLU B 269 -6.04 -28.46 -7.82
C GLU B 269 -5.02 -28.05 -8.89
N GLU B 270 -5.39 -27.13 -9.79
CA GLU B 270 -4.61 -26.94 -11.02
C GLU B 270 -3.54 -25.87 -10.90
N LEU B 271 -3.64 -24.99 -9.91
CA LEU B 271 -2.62 -23.98 -9.75
C LEU B 271 -1.40 -24.51 -9.02
N LEU B 272 -1.58 -25.54 -8.20
CA LEU B 272 -0.46 -26.08 -7.47
C LEU B 272 0.71 -26.37 -8.40
N GLY B 273 1.88 -25.87 -8.01
CA GLY B 273 3.09 -26.01 -8.79
C GLY B 273 3.26 -25.00 -9.88
N ARG B 274 2.30 -24.10 -10.08
CA ARG B 274 2.36 -23.12 -11.14
C ARG B 274 2.92 -21.83 -10.60
N SER B 275 3.76 -21.18 -11.41
CA SER B 275 4.32 -19.90 -11.06
C SER B 275 3.28 -18.80 -11.20
N ALA B 276 3.05 -18.08 -10.10
CA ALA B 276 2.03 -17.06 -10.09
C ALA B 276 2.32 -15.92 -11.05
N TYR B 277 3.55 -15.89 -11.61
CA TYR B 277 3.94 -14.94 -12.64
C TYR B 277 3.24 -15.17 -13.95
N GLU B 278 2.53 -16.30 -14.09
CA GLU B 278 1.89 -16.67 -15.34
C GLU B 278 0.41 -16.34 -15.38
N PHE B 279 -0.12 -15.77 -14.30
CA PHE B 279 -1.55 -15.55 -14.16
C PHE B 279 -1.90 -14.09 -13.93
N TYR B 280 -0.92 -13.21 -13.86
CA TYR B 280 -1.25 -11.79 -13.74
C TYR B 280 -0.97 -11.11 -15.06
N HIS B 281 -1.79 -10.13 -15.37
CA HIS B 281 -1.68 -9.46 -16.64
C HIS B 281 -0.31 -8.80 -16.82
N ALA B 282 0.28 -9.01 -18.01
CA ALA B 282 1.70 -8.67 -18.23
C ALA B 282 1.98 -7.20 -17.95
N LEU B 283 0.96 -6.35 -18.11
CA LEU B 283 1.11 -4.92 -17.96
C LEU B 283 1.36 -4.53 -16.50
N ASP B 284 1.19 -5.49 -15.60
CA ASP B 284 1.43 -5.25 -14.19
C ASP B 284 2.78 -5.79 -13.72
N SER B 285 3.61 -6.32 -14.62
CA SER B 285 4.81 -7.00 -14.15
C SER B 285 5.69 -6.08 -13.32
N GLU B 286 5.97 -4.89 -13.85
CA GLU B 286 6.80 -3.89 -13.18
C GLU B 286 6.49 -3.84 -11.68
N ASN B 287 5.19 -3.83 -11.31
CA ASN B 287 4.87 -3.63 -9.90
C ASN B 287 5.14 -4.90 -9.11
N MET B 288 4.61 -6.03 -9.60
CA MET B 288 4.63 -7.27 -8.84
C MET B 288 6.04 -7.66 -8.48
N THR B 289 6.92 -7.65 -9.47
CA THR B 289 8.32 -7.95 -9.22
C THR B 289 8.85 -7.21 -8.00
N LYS B 290 8.64 -5.90 -7.90
CA LYS B 290 9.19 -5.19 -6.75
C LYS B 290 8.50 -5.64 -5.49
N SER B 291 7.17 -5.83 -5.59
CA SER B 291 6.44 -6.42 -4.49
C SER B 291 7.12 -7.69 -4.03
N HIS B 292 7.43 -8.58 -4.98
CA HIS B 292 8.10 -9.82 -4.62
C HIS B 292 9.42 -9.50 -3.95
N GLN B 293 10.22 -8.64 -4.60
CA GLN B 293 11.51 -8.30 -4.02
C GLN B 293 11.34 -7.68 -2.64
N ASN B 294 10.43 -6.72 -2.50
CA ASN B 294 10.15 -6.14 -1.19
C ASN B 294 9.77 -7.22 -0.18
N LEU B 295 8.80 -8.05 -0.55
CA LEU B 295 8.32 -9.11 0.32
C LEU B 295 9.45 -9.99 0.80
N CYS B 296 10.51 -10.14 -0.01
CA CYS B 296 11.62 -11.00 0.36
C CYS B 296 12.62 -10.33 1.27
N THR B 297 12.78 -9.01 1.18
CA THR B 297 13.83 -8.34 1.93
C THR B 297 13.35 -7.80 3.26
N LYS B 298 12.04 -7.64 3.43
CA LYS B 298 11.44 -7.15 4.67
C LYS B 298 10.38 -8.08 5.23
N GLY B 299 9.81 -8.96 4.39
CA GLY B 299 9.01 -10.08 4.82
C GLY B 299 7.52 -9.87 4.77
N GLN B 300 7.09 -8.65 4.47
CA GLN B 300 5.69 -8.38 4.23
C GLN B 300 5.59 -7.33 3.16
N VAL B 301 4.52 -7.44 2.37
CA VAL B 301 4.28 -6.47 1.32
C VAL B 301 2.78 -6.28 1.21
N VAL B 302 2.39 -5.11 0.73
CA VAL B 302 1.06 -4.86 0.19
C VAL B 302 1.30 -4.49 -1.26
N SER B 303 0.75 -5.31 -2.15
CA SER B 303 0.90 -5.10 -3.59
C SER B 303 0.05 -3.94 -4.06
N GLY B 304 0.41 -3.37 -5.21
CA GLY B 304 -0.52 -2.52 -5.91
C GLY B 304 -1.67 -3.36 -6.43
N GLN B 305 -2.78 -2.71 -6.78
CA GLN B 305 -3.84 -3.40 -7.50
C GLN B 305 -3.32 -3.90 -8.86
N TYR B 306 -3.73 -5.12 -9.23
CA TYR B 306 -3.26 -5.76 -10.44
C TYR B 306 -4.34 -6.70 -10.96
N ARG B 307 -4.17 -7.16 -12.18
CA ARG B 307 -5.21 -7.99 -12.78
C ARG B 307 -4.73 -9.42 -12.85
N MET B 308 -5.50 -10.33 -12.27
CA MET B 308 -5.25 -11.74 -12.41
C MET B 308 -6.14 -12.29 -13.49
N LEU B 309 -5.57 -13.19 -14.31
CA LEU B 309 -6.27 -13.72 -15.47
C LEU B 309 -7.32 -14.72 -15.02
N ALA B 310 -8.57 -14.50 -15.39
CA ALA B 310 -9.55 -15.43 -14.86
C ALA B 310 -9.43 -16.77 -15.61
N LYS B 311 -10.18 -17.77 -15.16
CA LYS B 311 -10.00 -19.12 -15.71
C LYS B 311 -10.46 -19.21 -17.17
N HIS B 312 -11.68 -18.78 -17.46
CA HIS B 312 -12.20 -18.95 -18.82
C HIS B 312 -12.25 -17.64 -19.58
N GLY B 313 -11.15 -16.90 -19.53
CA GLY B 313 -11.05 -15.57 -20.11
C GLY B 313 -11.26 -14.49 -19.08
N GLY B 314 -10.95 -13.25 -19.48
CA GLY B 314 -11.10 -12.11 -18.61
C GLY B 314 -10.12 -12.08 -17.45
N TYR B 315 -10.41 -11.16 -16.55
CA TYR B 315 -9.52 -10.94 -15.40
C TYR B 315 -10.36 -10.43 -14.24
N VAL B 316 -9.78 -10.52 -13.06
CA VAL B 316 -10.31 -9.86 -11.88
C VAL B 316 -9.25 -8.93 -11.35
N ALA B 317 -9.69 -7.80 -10.85
CA ALA B 317 -8.79 -6.93 -10.11
C ALA B 317 -8.53 -7.51 -8.72
N LEU B 318 -7.27 -7.50 -8.31
CA LEU B 318 -6.82 -8.12 -7.06
C LEU B 318 -5.86 -7.19 -6.33
N GLU B 319 -5.93 -7.26 -5.01
CA GLU B 319 -4.93 -6.64 -4.13
C GLU B 319 -4.54 -7.65 -3.07
N THR B 320 -3.26 -7.93 -2.93
CA THR B 320 -2.85 -9.00 -2.05
C THR B 320 -1.77 -8.52 -1.06
N GLN B 321 -2.04 -8.76 0.20
CA GLN B 321 -1.06 -8.66 1.27
C GLN B 321 -0.27 -9.97 1.30
N GLY B 322 1.04 -9.87 1.21
CA GLY B 322 1.91 -11.02 1.24
C GLY B 322 2.82 -10.99 2.47
N THR B 323 3.12 -12.16 2.98
CA THR B 323 4.00 -12.24 4.13
C THR B 323 4.77 -13.54 4.11
N VAL B 324 6.05 -13.43 4.41
CA VAL B 324 6.89 -14.60 4.60
C VAL B 324 6.57 -15.21 5.95
N ILE B 325 6.39 -16.51 5.99
CA ILE B 325 6.30 -17.18 7.29
C ILE B 325 7.52 -18.08 7.44
N TYR B 326 8.15 -17.99 8.60
CA TYR B 326 9.36 -18.76 8.90
C TYR B 326 9.00 -20.04 9.66
N ASN B 327 9.63 -21.16 9.27
CA ASN B 327 9.64 -22.33 10.14
C ASN B 327 10.12 -21.91 11.52
N PRO B 328 9.38 -22.18 12.59
CA PRO B 328 9.85 -21.77 13.92
C PRO B 328 10.85 -22.73 14.54
N ARG B 329 11.06 -23.92 13.96
CA ARG B 329 12.02 -24.86 14.50
C ARG B 329 13.44 -24.53 14.06
N ASN B 330 13.69 -24.44 12.75
CA ASN B 330 15.03 -24.12 12.25
C ASN B 330 15.16 -22.68 11.77
N LEU B 331 14.07 -21.92 11.76
CA LEU B 331 14.02 -20.50 11.42
C LEU B 331 14.26 -20.23 9.94
N GLN B 332 14.21 -21.23 9.13
CA GLN B 332 14.33 -20.79 7.75
C GLN B 332 12.97 -20.38 7.19
N PRO B 333 12.95 -19.45 6.25
CA PRO B 333 11.68 -19.09 5.59
C PRO B 333 11.07 -20.29 4.91
N GLN B 334 9.81 -20.56 5.25
CA GLN B 334 9.05 -21.67 4.72
C GLN B 334 8.32 -21.27 3.45
N CYS B 335 7.67 -20.10 3.44
CA CYS B 335 6.76 -19.81 2.34
C CYS B 335 6.20 -18.39 2.46
N ILE B 336 5.35 -18.06 1.48
CA ILE B 336 4.58 -16.83 1.40
C ILE B 336 3.12 -17.17 1.68
N MET B 337 2.47 -16.34 2.49
CA MET B 337 1.03 -16.39 2.69
C MET B 337 0.44 -15.11 2.14
N CYS B 338 -0.53 -15.28 1.26
CA CYS B 338 -1.16 -14.18 0.54
C CYS B 338 -2.62 -14.12 0.97
N VAL B 339 -3.01 -12.97 1.48
CA VAL B 339 -4.42 -12.61 1.62
C VAL B 339 -4.80 -11.88 0.35
N ASN B 340 -5.83 -12.35 -0.35
CA ASN B 340 -6.14 -11.77 -1.65
C ASN B 340 -7.53 -11.17 -1.61
N TYR B 341 -7.57 -9.85 -1.81
CA TYR B 341 -8.82 -9.11 -1.90
C TYR B 341 -9.21 -9.01 -3.37
N VAL B 342 -10.38 -9.53 -3.68
CA VAL B 342 -10.94 -9.46 -5.01
C VAL B 342 -11.73 -8.18 -5.13
N LEU B 343 -11.38 -7.39 -6.11
CA LEU B 343 -11.85 -6.03 -6.22
C LEU B 343 -12.89 -5.87 -7.33
N SER B 344 -13.23 -6.96 -8.03
CA SER B 344 -14.20 -6.82 -9.10
C SER B 344 -14.75 -8.20 -9.43
N GLU B 345 -15.94 -8.21 -10.04
CA GLU B 345 -16.41 -9.36 -10.79
C GLU B 345 -15.59 -9.49 -12.08
N ILE B 346 -15.54 -10.71 -12.64
CA ILE B 346 -14.69 -10.93 -13.81
C ILE B 346 -15.07 -9.97 -14.94
N GLU B 347 -14.06 -9.26 -15.43
CA GLU B 347 -14.24 -8.27 -16.48
C GLU B 347 -13.69 -8.80 -17.80
N LYS B 348 -14.26 -8.31 -18.89
CA LYS B 348 -13.94 -8.74 -20.25
C LYS B 348 -13.78 -10.26 -20.34
N ASN B 349 -14.88 -10.96 -20.04
CA ASN B 349 -14.91 -12.44 -20.01
C ASN B 349 -14.66 -13.06 -21.38
N ASP B 350 -14.83 -12.30 -22.46
CA ASP B 350 -14.65 -12.77 -23.83
C ASP B 350 -13.19 -12.75 -24.28
N VAL B 351 -12.40 -11.78 -23.84
CA VAL B 351 -10.99 -11.70 -24.24
C VAL B 351 -10.23 -12.79 -23.51
N VAL B 352 -9.32 -13.42 -24.22
CA VAL B 352 -8.37 -14.35 -23.61
C VAL B 352 -6.98 -13.76 -23.76
N PHE B 353 -6.18 -13.90 -22.73
CA PHE B 353 -4.85 -13.33 -22.68
C PHE B 353 -3.76 -14.38 -22.69
N SER B 354 -3.99 -15.53 -22.02
CA SER B 354 -2.95 -16.54 -21.88
C SER B 354 -3.43 -17.89 -22.37
N MET B 355 -2.46 -18.79 -22.57
CA MET B 355 -2.75 -20.11 -23.08
C MET B 355 -3.46 -20.99 -22.06
N ASP B 356 -3.48 -20.60 -20.79
CA ASP B 356 -4.28 -21.32 -19.82
C ASP B 356 -5.78 -21.08 -20.02
N GLN B 357 -6.18 -19.88 -20.44
CA GLN B 357 -7.62 -19.61 -20.59
C GLN B 357 -8.21 -20.19 -21.87
N THR B 358 -7.39 -20.56 -22.85
CA THR B 358 -7.92 -21.01 -24.14
C THR B 358 -8.71 -22.33 -24.02
N GLU B 359 -8.36 -23.17 -23.05
CA GLU B 359 -9.02 -24.44 -22.89
C GLU B 359 -10.47 -24.28 -22.39
#